data_4MYZ
#
_entry.id   4MYZ
#
_cell.length_a   90.889
_cell.length_b   59.532
_cell.length_c   52.867
_cell.angle_alpha   90.00
_cell.angle_beta   124.87
_cell.angle_gamma   90.00
#
_symmetry.space_group_name_H-M   'C 1 2 1'
#
loop_
_entity.id
_entity.type
_entity.pdbx_description
1 polymer 'CurK, CurL fusion protein'
2 water water
#
_entity_poly.entity_id   1
_entity_poly.type   'polypeptide(L)'
_entity_poly.pdbx_seq_one_letter_code
;NSASSQLSDITELSEIELEASVLQEIEALEKLIGGGSGGGSMNLKQEQEKEQSLSALQRALIALKDARSKLEKYETQSK
;
_entity_poly.pdbx_strand_id   A,B,C
#
# COMPACT_ATOMS: atom_id res chain seq x y z
N ASP A 9 9.27 2.35 14.32
CA ASP A 9 10.10 1.99 13.13
C ASP A 9 9.23 1.20 12.16
N ILE A 10 9.57 1.24 10.88
CA ILE A 10 8.76 0.58 9.86
C ILE A 10 8.60 -0.92 10.12
N THR A 11 9.60 -1.55 10.71
CA THR A 11 9.49 -2.98 10.99
C THR A 11 8.55 -3.29 12.15
N GLU A 12 8.17 -2.25 12.89
CA GLU A 12 7.20 -2.42 13.98
C GLU A 12 5.78 -2.58 13.45
N LEU A 13 5.53 -2.19 12.20
CA LEU A 13 4.17 -2.25 11.63
C LEU A 13 3.78 -3.70 11.33
N SER A 14 2.55 -4.09 11.70
CA SER A 14 2.00 -5.36 11.27
C SER A 14 1.79 -5.35 9.75
N GLU A 15 1.54 -6.52 9.17
CA GLU A 15 1.30 -6.57 7.74
C GLU A 15 0.09 -5.73 7.34
N ILE A 16 -0.98 -5.76 8.13
CA ILE A 16 -2.16 -4.95 7.86
C ILE A 16 -1.83 -3.46 7.95
N GLU A 17 -1.11 -3.06 8.99
CA GLU A 17 -0.73 -1.67 9.12
CA GLU A 17 -0.68 -1.68 9.14
C GLU A 17 0.14 -1.22 7.96
N LEU A 18 1.05 -2.09 7.50
CA LEU A 18 1.89 -1.77 6.35
C LEU A 18 1.02 -1.57 5.10
N GLU A 19 0.13 -2.51 4.82
CA GLU A 19 -0.73 -2.36 3.66
C GLU A 19 -1.60 -1.09 3.73
N ALA A 20 -2.17 -0.81 4.89
CA ALA A 20 -3.00 0.36 5.07
C ALA A 20 -2.16 1.61 4.81
N SER A 21 -0.92 1.64 5.33
CA SER A 21 -0.03 2.79 5.15
C SER A 21 0.32 2.99 3.70
N VAL A 22 0.60 1.90 2.99
CA VAL A 22 0.92 1.96 1.57
C VAL A 22 -0.26 2.55 0.79
N LEU A 23 -1.47 2.05 1.03
CA LEU A 23 -2.64 2.57 0.33
CA LEU A 23 -2.65 2.57 0.36
C LEU A 23 -2.89 4.06 0.65
N GLN A 24 -2.64 4.47 1.90
CA GLN A 24 -2.78 5.89 2.27
C GLN A 24 -1.82 6.74 1.45
N GLU A 25 -0.59 6.28 1.26
CA GLU A 25 0.37 7.03 0.45
C GLU A 25 -0.01 7.09 -1.01
N ILE A 26 -0.54 5.97 -1.51
CA ILE A 26 -0.98 5.91 -2.88
C ILE A 26 -2.15 6.86 -3.11
N GLU A 27 -3.08 6.93 -2.15
CA GLU A 27 -4.21 7.84 -2.22
C GLU A 27 -3.70 9.28 -2.29
N ALA A 28 -2.72 9.61 -1.45
CA ALA A 28 -2.18 10.97 -1.41
C ALA A 28 -1.49 11.31 -2.71
N LEU A 29 -0.74 10.37 -3.27
CA LEU A 29 -0.12 10.58 -4.58
C LEU A 29 -1.13 10.78 -5.70
N GLU A 30 -2.23 10.03 -5.67
CA GLU A 30 -3.30 10.16 -6.67
C GLU A 30 -3.86 11.58 -6.67
N LYS A 31 -3.96 12.19 -5.50
CA LYS A 31 -4.46 13.57 -5.43
C LYS A 31 -3.46 14.57 -6.03
N LEU A 32 -2.16 14.27 -5.97
CA LEU A 32 -1.12 15.15 -6.50
C LEU A 32 -0.89 15.00 -7.99
N ILE A 33 -0.86 13.75 -8.46
CA ILE A 33 -0.45 13.47 -9.83
C ILE A 33 -1.39 12.53 -10.57
N SER A 53 -9.48 -5.71 -6.61
CA SER A 53 -8.83 -6.67 -7.49
C SER A 53 -7.35 -6.83 -7.15
N LEU A 54 -6.62 -5.72 -7.10
CA LEU A 54 -5.17 -5.76 -6.94
C LEU A 54 -4.80 -5.74 -5.46
N SER A 55 -3.67 -6.36 -5.14
CA SER A 55 -3.11 -6.28 -3.80
C SER A 55 -2.41 -4.96 -3.59
N ALA A 56 -2.09 -4.66 -2.33
CA ALA A 56 -1.36 -3.42 -2.01
C ALA A 56 0.00 -3.39 -2.72
N LEU A 57 0.69 -4.53 -2.79
CA LEU A 57 1.97 -4.56 -3.48
C LEU A 57 1.85 -4.33 -4.98
N GLN A 58 0.80 -4.90 -5.62
CA GLN A 58 0.55 -4.58 -7.01
C GLN A 58 0.24 -3.10 -7.19
N ARG A 59 -0.61 -2.55 -6.34
CA ARG A 59 -0.91 -1.12 -6.42
C ARG A 59 0.36 -0.29 -6.21
N ALA A 60 1.23 -0.73 -5.31
CA ALA A 60 2.49 -0.01 -5.10
C ALA A 60 3.35 0.01 -6.33
N LEU A 61 3.42 -1.11 -7.06
CA LEU A 61 4.23 -1.12 -8.29
C LEU A 61 3.71 -0.07 -9.29
N ILE A 62 2.39 -0.05 -9.45
CA ILE A 62 1.76 0.93 -10.36
C ILE A 62 2.05 2.35 -9.89
N ALA A 63 1.88 2.60 -8.61
CA ALA A 63 2.09 3.94 -8.06
C ALA A 63 3.56 4.38 -8.15
N LEU A 64 4.48 3.47 -7.93
CA LEU A 64 5.91 3.80 -8.06
C LEU A 64 6.27 4.15 -9.50
N LYS A 65 5.74 3.41 -10.48
CA LYS A 65 5.99 3.71 -11.88
C LYS A 65 5.44 5.08 -12.22
N ASP A 66 4.24 5.38 -11.74
CA ASP A 66 3.62 6.69 -12.01
C ASP A 66 4.40 7.82 -11.35
N ALA A 67 4.77 7.64 -10.09
CA ALA A 67 5.56 8.65 -9.37
C ALA A 67 6.90 8.89 -10.05
N ARG A 68 7.56 7.82 -10.48
CA ARG A 68 8.85 7.94 -11.19
C ARG A 68 8.70 8.77 -12.45
N SER A 69 7.66 8.47 -13.22
CA SER A 69 7.43 9.18 -14.47
C SER A 69 7.26 10.66 -14.21
N LYS A 70 6.49 11.00 -13.18
CA LYS A 70 6.25 12.40 -12.85
C LYS A 70 7.48 13.12 -12.26
N LEU A 71 8.32 12.39 -11.55
CA LEU A 71 9.47 12.95 -10.87
C LEU A 71 10.62 13.23 -11.83
N GLU A 72 10.59 12.65 -13.03
CA GLU A 72 11.69 12.90 -13.96
C GLU A 72 11.84 14.39 -14.24
N LYS A 73 10.74 15.13 -14.26
CA LYS A 73 10.86 16.56 -14.54
C LYS A 73 11.32 17.40 -13.35
N TYR A 74 11.41 16.78 -12.17
CA TYR A 74 11.85 17.47 -10.97
C TYR A 74 13.21 16.98 -10.43
N GLU A 75 13.87 16.05 -11.12
CA GLU A 75 15.16 15.51 -10.68
C GLU A 75 16.14 16.65 -10.43
N ASP B 9 2.85 -7.05 -18.39
CA ASP B 9 1.64 -6.97 -17.53
C ASP B 9 1.99 -7.21 -16.07
N ILE B 10 1.28 -6.53 -15.19
CA ILE B 10 1.58 -6.60 -13.75
C ILE B 10 0.93 -7.82 -13.10
N THR B 11 -0.31 -8.10 -13.43
CA THR B 11 -1.03 -9.19 -12.77
C THR B 11 -0.56 -10.59 -13.16
N GLU B 12 0.20 -10.71 -14.25
CA GLU B 12 0.75 -12.00 -14.66
C GLU B 12 2.03 -12.36 -13.89
N LEU B 13 2.61 -11.39 -13.19
CA LEU B 13 3.83 -11.63 -12.39
C LEU B 13 3.52 -12.52 -11.20
N SER B 14 4.44 -13.45 -10.90
CA SER B 14 4.35 -14.20 -9.65
C SER B 14 4.63 -13.23 -8.51
N GLU B 15 4.31 -13.65 -7.28
CA GLU B 15 4.58 -12.80 -6.13
C GLU B 15 6.07 -12.40 -6.07
N ILE B 16 6.96 -13.35 -6.29
CA ILE B 16 8.40 -13.09 -6.25
C ILE B 16 8.83 -12.13 -7.37
N GLU B 17 8.29 -12.32 -8.57
CA GLU B 17 8.56 -11.39 -9.68
C GLU B 17 8.02 -9.99 -9.41
N LEU B 18 6.87 -9.90 -8.78
CA LEU B 18 6.30 -8.62 -8.36
C LEU B 18 7.21 -7.90 -7.37
N GLU B 19 7.70 -8.63 -6.36
CA GLU B 19 8.67 -8.07 -5.42
C GLU B 19 9.91 -7.54 -6.14
N ALA B 20 10.46 -8.32 -7.07
CA ALA B 20 11.64 -7.89 -7.82
C ALA B 20 11.36 -6.64 -8.63
N SER B 21 10.19 -6.59 -9.26
CA SER B 21 9.83 -5.45 -10.08
C SER B 21 9.66 -4.18 -9.24
N VAL B 22 9.04 -4.32 -8.07
CA VAL B 22 8.93 -3.21 -7.13
C VAL B 22 10.33 -2.70 -6.77
N LEU B 23 11.23 -3.60 -6.44
CA LEU B 23 12.58 -3.18 -6.05
C LEU B 23 13.30 -2.45 -7.18
N GLN B 24 13.14 -2.96 -8.40
CA GLN B 24 13.73 -2.28 -9.54
C GLN B 24 13.18 -0.88 -9.72
N GLU B 25 11.87 -0.71 -9.51
CA GLU B 25 11.30 0.62 -9.62
C GLU B 25 11.80 1.55 -8.51
N ILE B 26 11.97 1.01 -7.30
CA ILE B 26 12.48 1.81 -6.19
C ILE B 26 13.91 2.30 -6.47
N GLU B 27 14.76 1.41 -6.99
CA GLU B 27 16.12 1.80 -7.40
C GLU B 27 16.09 2.97 -8.40
N ALA B 28 15.21 2.89 -9.41
CA ALA B 28 15.13 3.95 -10.39
C ALA B 28 14.67 5.27 -9.76
N LEU B 29 13.70 5.18 -8.85
CA LEU B 29 13.18 6.36 -8.17
C LEU B 29 14.24 6.97 -7.27
N GLU B 30 15.07 6.17 -6.64
CA GLU B 30 16.15 6.69 -5.78
C GLU B 30 17.21 7.42 -6.59
N LYS B 31 17.46 6.95 -7.80
CA LYS B 31 18.34 7.68 -8.70
C LYS B 31 17.81 9.08 -8.99
N LEU B 32 16.48 9.26 -8.95
CA LEU B 32 15.88 10.60 -9.18
C LEU B 32 15.86 11.50 -7.96
N ILE B 33 15.32 10.99 -6.85
CA ILE B 33 15.16 11.73 -5.61
C ILE B 33 16.51 11.81 -4.93
N LYS B 50 16.23 -6.41 16.82
CA LYS B 50 16.90 -5.17 16.42
C LYS B 50 17.03 -5.08 14.90
N GLU B 51 18.18 -5.51 14.36
CA GLU B 51 18.47 -5.42 12.94
C GLU B 51 17.48 -6.30 12.20
N GLN B 52 16.91 -5.80 11.11
CA GLN B 52 15.97 -6.58 10.30
C GLN B 52 15.99 -6.11 8.85
N SER B 53 16.25 -7.02 7.92
CA SER B 53 16.25 -6.72 6.49
C SER B 53 14.81 -6.45 6.04
N LEU B 54 14.64 -5.42 5.22
CA LEU B 54 13.30 -4.97 4.83
C LEU B 54 12.76 -5.77 3.67
N SER B 55 11.46 -6.00 3.68
CA SER B 55 10.79 -6.61 2.53
C SER B 55 10.51 -5.58 1.45
N ALA B 56 10.17 -6.03 0.24
CA ALA B 56 9.82 -5.12 -0.85
C ALA B 56 8.67 -4.18 -0.47
N LEU B 57 7.66 -4.68 0.24
CA LEU B 57 6.54 -3.83 0.60
C LEU B 57 6.96 -2.75 1.59
N GLN B 58 7.83 -3.10 2.53
CA GLN B 58 8.37 -2.10 3.46
C GLN B 58 9.17 -1.05 2.72
N ARG B 59 10.05 -1.50 1.81
CA ARG B 59 10.78 -0.54 1.01
C ARG B 59 9.87 0.34 0.15
N ALA B 60 8.78 -0.25 -0.34
CA ALA B 60 7.81 0.50 -1.15
C ALA B 60 7.19 1.60 -0.34
N LEU B 61 6.83 1.34 0.92
CA LEU B 61 6.25 2.40 1.75
C LEU B 61 7.22 3.57 1.88
N ILE B 62 8.48 3.25 2.17
CA ILE B 62 9.50 4.32 2.33
C ILE B 62 9.63 5.11 1.01
N ALA B 63 9.68 4.42 -0.11
CA ALA B 63 9.87 5.07 -1.40
C ALA B 63 8.66 5.91 -1.78
N LEU B 64 7.46 5.43 -1.50
CA LEU B 64 6.24 6.19 -1.79
C LEU B 64 6.20 7.46 -0.95
N LYS B 65 6.58 7.35 0.31
CA LYS B 65 6.62 8.50 1.19
C LYS B 65 7.64 9.52 0.68
N ASP B 66 8.80 9.05 0.27
CA ASP B 66 9.83 9.94 -0.27
C ASP B 66 9.32 10.63 -1.55
N ALA B 67 8.70 9.89 -2.44
CA ALA B 67 8.17 10.47 -3.69
C ALA B 67 7.10 11.51 -3.36
N ARG B 68 6.21 11.20 -2.44
CA ARG B 68 5.12 12.15 -2.06
C ARG B 68 5.72 13.41 -1.46
N SER B 69 6.71 13.29 -0.61
CA SER B 69 7.31 14.45 0.02
C SER B 69 7.92 15.36 -1.00
N LYS B 70 8.59 14.80 -2.00
CA LYS B 70 9.18 15.64 -3.02
C LYS B 70 8.09 16.27 -3.92
N LEU B 71 7.13 15.47 -4.35
CA LEU B 71 6.11 15.96 -5.27
C LEU B 71 5.24 17.03 -4.65
N GLU B 72 5.04 16.98 -3.34
CA GLU B 72 4.17 17.96 -2.70
C GLU B 72 4.79 19.36 -2.66
N LYS B 73 6.09 19.45 -2.91
CA LYS B 73 6.75 20.75 -3.03
C LYS B 73 6.41 21.46 -4.35
N TYR B 74 5.97 20.68 -5.34
CA TYR B 74 5.75 21.19 -6.70
C TYR B 74 4.27 21.13 -7.14
N GLU B 75 3.52 20.18 -6.60
CA GLU B 75 2.17 19.90 -7.08
C GLU B 75 1.15 20.19 -5.98
N THR B 76 -0.05 20.60 -6.39
CA THR B 76 -1.22 20.74 -5.54
C THR B 76 -0.90 21.26 -4.13
N ASP C 9 -22.56 9.12 -1.04
CA ASP C 9 -21.22 9.55 -0.52
C ASP C 9 -20.15 8.48 -0.80
N ILE C 10 -20.24 7.35 -0.12
CA ILE C 10 -19.30 6.24 -0.32
C ILE C 10 -19.08 5.93 -1.79
N THR C 11 -20.12 6.06 -2.63
CA THR C 11 -19.95 5.75 -4.05
C THR C 11 -19.14 6.83 -4.77
N GLU C 12 -18.84 7.94 -4.09
CA GLU C 12 -18.01 8.99 -4.68
C GLU C 12 -16.53 8.69 -4.45
N LEU C 13 -16.20 7.77 -3.54
CA LEU C 13 -14.79 7.40 -3.37
C LEU C 13 -14.25 6.76 -4.64
N SER C 14 -13.01 7.10 -5.00
CA SER C 14 -12.28 6.38 -6.04
C SER C 14 -11.95 4.99 -5.54
N GLU C 15 -11.56 4.11 -6.46
CA GLU C 15 -11.15 2.76 -6.14
C GLU C 15 -10.05 2.77 -5.08
N ILE C 16 -9.04 3.62 -5.25
CA ILE C 16 -7.95 3.68 -4.30
C ILE C 16 -8.43 4.24 -2.94
N GLU C 17 -9.28 5.26 -2.94
CA GLU C 17 -9.79 5.79 -1.67
C GLU C 17 -10.60 4.75 -0.92
N LEU C 18 -11.39 3.98 -1.67
CA LEU C 18 -12.20 2.94 -1.05
C LEU C 18 -11.30 1.86 -0.44
N GLU C 19 -10.32 1.39 -1.20
CA GLU C 19 -9.41 0.36 -0.68
C GLU C 19 -8.63 0.87 0.54
N ALA C 20 -8.17 2.12 0.48
CA ALA C 20 -7.47 2.73 1.62
C ALA C 20 -8.38 2.77 2.85
N SER C 21 -9.65 3.13 2.65
CA SER C 21 -10.58 3.23 3.77
C SER C 21 -10.86 1.85 4.36
N VAL C 22 -11.05 0.85 3.50
CA VAL C 22 -11.25 -0.50 4.00
C VAL C 22 -10.06 -0.98 4.79
N LEU C 23 -8.84 -0.81 4.28
CA LEU C 23 -7.67 -1.28 5.03
CA LEU C 23 -7.68 -1.29 5.01
C LEU C 23 -7.52 -0.53 6.35
N GLN C 24 -7.86 0.75 6.36
CA GLN C 24 -7.83 1.52 7.61
C GLN C 24 -8.81 0.94 8.63
N GLU C 25 -10.01 0.55 8.20
CA GLU C 25 -10.95 -0.11 9.10
C GLU C 25 -10.43 -1.40 9.64
N ILE C 26 -9.78 -2.21 8.79
CA ILE C 26 -9.25 -3.48 9.19
C ILE C 26 -8.09 -3.32 10.17
N GLU C 27 -7.24 -2.31 9.93
CA GLU C 27 -6.19 -1.95 10.88
C GLU C 27 -6.78 -1.60 12.26
N ALA C 28 -7.84 -0.78 12.25
CA ALA C 28 -8.43 -0.31 13.50
C ALA C 28 -9.04 -1.51 14.22
N LEU C 29 -9.68 -2.42 13.48
CA LEU C 29 -10.20 -3.66 14.09
C LEU C 29 -9.09 -4.54 14.70
N GLU C 30 -7.97 -4.65 14.02
CA GLU C 30 -6.82 -5.43 14.52
C GLU C 30 -6.33 -4.86 15.83
N LYS C 31 -6.28 -3.54 15.94
CA LYS C 31 -5.86 -2.89 17.16
C LYS C 31 -6.88 -3.10 18.26
N LEU C 32 -8.17 -3.01 17.92
CA LEU C 32 -9.22 -3.09 18.91
C LEU C 32 -9.38 -4.48 19.50
N ILE C 33 -9.38 -5.50 18.64
CA ILE C 33 -9.65 -6.89 19.06
C ILE C 33 -8.53 -7.91 18.80
N GLY C 34 -7.50 -7.53 18.06
CA GLY C 34 -6.41 -8.46 17.74
C GLY C 34 -5.53 -8.70 18.95
N LYS C 50 -0.18 -21.50 -4.42
CA LYS C 50 0.40 -20.39 -5.19
C LYS C 50 0.37 -19.12 -4.35
N GLU C 51 1.53 -18.69 -3.88
CA GLU C 51 1.60 -17.51 -3.03
C GLU C 51 0.97 -16.30 -3.72
N GLN C 52 0.11 -15.58 -3.00
CA GLN C 52 -0.59 -14.43 -3.58
C GLN C 52 -1.01 -13.50 -2.46
N SER C 53 -0.60 -12.23 -2.51
CA SER C 53 -1.07 -11.25 -1.54
C SER C 53 -2.54 -10.97 -1.73
N LEU C 54 -3.19 -10.58 -0.64
CA LEU C 54 -4.64 -10.43 -0.62
C LEU C 54 -5.13 -9.09 -1.13
N SER C 55 -6.26 -9.10 -1.84
CA SER C 55 -6.95 -7.90 -2.24
C SER C 55 -7.71 -7.32 -1.03
N ALA C 56 -8.16 -6.07 -1.17
CA ALA C 56 -8.93 -5.45 -0.12
C ALA C 56 -10.21 -6.22 0.22
N LEU C 57 -10.88 -6.72 -0.81
CA LEU C 57 -12.11 -7.47 -0.58
C LEU C 57 -11.84 -8.79 0.10
N GLN C 58 -10.74 -9.44 -0.26
CA GLN C 58 -10.35 -10.68 0.44
C GLN C 58 -10.02 -10.38 1.91
N ARG C 59 -9.27 -9.32 2.17
CA ARG C 59 -9.01 -8.95 3.58
C ARG C 59 -10.30 -8.62 4.33
N ALA C 60 -11.22 -7.97 3.66
CA ALA C 60 -12.47 -7.60 4.30
C ALA C 60 -13.28 -8.82 4.69
N LEU C 61 -13.28 -9.88 3.86
CA LEU C 61 -13.96 -11.12 4.23
C LEU C 61 -13.41 -11.65 5.54
N ILE C 62 -12.11 -11.73 5.66
CA ILE C 62 -11.48 -12.27 6.85
C ILE C 62 -11.81 -11.40 8.06
N ALA C 63 -11.73 -10.09 7.89
CA ALA C 63 -11.98 -9.15 8.98
C ALA C 63 -13.42 -9.18 9.45
N LEU C 64 -14.36 -9.30 8.52
CA LEU C 64 -15.77 -9.38 8.88
C LEU C 64 -16.03 -10.62 9.72
N LYS C 65 -15.47 -11.76 9.30
CA LYS C 65 -15.61 -13.00 10.05
C LYS C 65 -15.06 -12.85 11.45
N ASP C 66 -13.86 -12.27 11.56
CA ASP C 66 -13.23 -12.09 12.86
C ASP C 66 -14.04 -11.16 13.75
N ALA C 67 -14.54 -10.07 13.18
CA ALA C 67 -15.39 -9.15 13.95
C ALA C 67 -16.66 -9.83 14.42
N ARG C 68 -17.29 -10.59 13.55
CA ARG C 68 -18.53 -11.29 13.91
C ARG C 68 -18.31 -12.33 14.99
N SER C 69 -17.21 -13.08 14.90
CA SER C 69 -16.87 -14.07 15.93
C SER C 69 -16.74 -13.42 17.30
N LYS C 70 -16.09 -12.27 17.35
CA LYS C 70 -15.93 -11.58 18.61
C LYS C 70 -17.26 -11.02 19.14
N LEU C 71 -18.09 -10.45 18.26
CA LEU C 71 -19.40 -9.94 18.67
C LEU C 71 -20.33 -11.03 19.21
N GLU C 72 -20.20 -12.25 18.70
CA GLU C 72 -20.98 -13.37 19.23
C GLU C 72 -20.79 -13.57 20.71
N LYS C 73 -19.58 -13.31 21.19
CA LYS C 73 -19.28 -13.45 22.63
C LYS C 73 -20.07 -12.50 23.53
N TYR C 74 -20.48 -11.35 23.01
CA TYR C 74 -21.18 -10.33 23.79
C TYR C 74 -22.70 -10.35 23.58
#